data_8HOD
#
_entry.id   8HOD
#
_cell.length_a   43.820
_cell.length_b   84.010
_cell.length_c   98.810
_cell.angle_alpha   90.00
_cell.angle_beta   90.00
_cell.angle_gamma   90.00
#
_symmetry.space_group_name_H-M   'P 21 21 21'
#
loop_
_entity.id
_entity.type
_entity.pdbx_description
1 polymer 'Hypothetical protein'
2 non-polymer "ADENOSINE-5'-DIPHOSPHATE"
3 non-polymer GLYCEROL
4 water water
#
_entity_poly.entity_id   1
_entity_poly.type   'polypeptide(L)'
_entity_poly.pdbx_seq_one_letter_code
;MGSSHHHHHHSQGSMSLVGSNLHVFTIAELRAVTRDFSMTNFIGEGGFGPVYKGYVHDKTKPGLAAQTVAVKLLDLEGGQ
GHTEWQTEVFFLGQLRHPHLVKLIGYCYEDEHRLLVYEFMTRGSLEKHLFKKYAASLPWSTRLKIAIGAAKGLAFLHEAE
KPVIYRDFKTSNILLDSDYKAKLSDFGLAKDGPEDDETHVAARVMGTQGYAAPEYIMTGHLTAKSDVYGYGVVLLELLSG
RKAVDKTRPPREQSLVEWARPYLTDARRLDRVMDPSLAGQYSTRAAHKAAAVAHQCVALNPKSRPHMSAVVDALEPLLAL
DDCIVG
;
_entity_poly.pdbx_strand_id   A
#
# COMPACT_ATOMS: atom_id res chain seq x y z
N ASN A 21 23.69 3.11 -1.81
CA ASN A 21 22.87 2.88 -0.62
C ASN A 21 21.96 4.09 -0.33
N LEU A 22 22.46 5.10 0.38
CA LEU A 22 21.71 6.33 0.67
C LEU A 22 22.57 7.50 0.25
N HIS A 23 22.05 8.34 -0.65
CA HIS A 23 22.75 9.56 -1.02
C HIS A 23 22.32 10.72 -0.13
N VAL A 24 23.23 11.67 0.06
CA VAL A 24 22.92 12.91 0.76
C VAL A 24 22.77 14.00 -0.29
N PHE A 25 21.66 14.75 -0.20
CA PHE A 25 21.42 15.91 -1.06
C PHE A 25 21.42 17.18 -0.23
N THR A 26 21.78 18.29 -0.88
CA THR A 26 21.53 19.61 -0.34
C THR A 26 20.22 20.18 -0.89
N ILE A 27 19.74 21.23 -0.23
CA ILE A 27 18.53 21.91 -0.70
C ILE A 27 18.74 22.45 -2.10
N ALA A 28 19.94 22.99 -2.37
CA ALA A 28 20.24 23.52 -3.69
C ALA A 28 20.16 22.42 -4.75
N GLU A 29 20.66 21.23 -4.43
CA GLU A 29 20.54 20.12 -5.38
C GLU A 29 19.07 19.75 -5.61
N LEU A 30 18.28 19.73 -4.54
CA LEU A 30 16.88 19.34 -4.67
C LEU A 30 16.05 20.41 -5.38
N ARG A 31 16.50 21.68 -5.32
CA ARG A 31 15.89 22.72 -6.13
C ARG A 31 16.12 22.46 -7.61
N ALA A 32 17.34 22.09 -7.99
CA ALA A 32 17.60 21.74 -9.39
C ALA A 32 16.80 20.51 -9.80
N VAL A 33 16.60 19.57 -8.87
CA VAL A 33 15.91 18.32 -9.16
C VAL A 33 14.42 18.55 -9.40
N THR A 34 13.83 19.53 -8.70
CA THR A 34 12.40 19.77 -8.67
C THR A 34 11.99 21.08 -9.33
N ARG A 35 12.91 21.75 -10.05
CA ARG A 35 12.67 23.09 -10.61
C ARG A 35 12.25 24.06 -9.51
N ASP A 36 13.07 24.13 -8.47
CA ASP A 36 12.83 25.01 -7.32
C ASP A 36 11.46 24.74 -6.70
N PHE A 37 11.11 23.46 -6.57
CA PHE A 37 9.85 23.03 -5.97
C PHE A 37 8.66 23.77 -6.59
N SER A 38 8.65 23.77 -7.92
CA SER A 38 7.60 24.42 -8.68
C SER A 38 6.28 23.69 -8.48
N MET A 39 5.19 24.45 -8.48
CA MET A 39 3.91 23.79 -8.28
C MET A 39 3.56 22.86 -9.44
N THR A 40 4.20 23.03 -10.60
CA THR A 40 4.04 22.06 -11.69
C THR A 40 4.52 20.67 -11.31
N ASN A 41 5.40 20.58 -10.32
CA ASN A 41 5.92 19.29 -9.84
C ASN A 41 5.30 18.87 -8.53
N PHE A 42 4.38 19.65 -8.00
CA PHE A 42 3.67 19.27 -6.79
C PHE A 42 2.78 18.06 -7.08
N ILE A 43 2.91 17.01 -6.26
CA ILE A 43 2.22 15.76 -6.50
C ILE A 43 1.02 15.59 -5.55
N GLY A 44 1.04 16.24 -4.41
CA GLY A 44 -0.04 16.13 -3.46
C GLY A 44 0.49 16.23 -2.04
N GLU A 45 -0.41 16.56 -1.13
CA GLU A 45 -0.08 16.59 0.29
C GLU A 45 -0.27 15.17 0.81
N GLY A 46 0.83 14.56 1.25
CA GLY A 46 0.79 13.20 1.75
C GLY A 46 0.56 13.15 3.25
N GLY A 47 0.61 11.91 3.77
CA GLY A 47 0.42 11.69 5.19
C GLY A 47 1.46 12.34 6.07
N PHE A 48 2.64 12.63 5.51
CA PHE A 48 3.76 13.15 6.30
C PHE A 48 4.28 14.48 5.78
N GLY A 49 3.60 15.11 4.81
CA GLY A 49 4.01 16.37 4.26
C GLY A 49 3.79 16.41 2.75
N PRO A 50 4.13 17.51 2.10
CA PRO A 50 3.96 17.60 0.64
C PRO A 50 4.97 16.75 -0.12
N VAL A 51 4.58 16.36 -1.34
CA VAL A 51 5.41 15.53 -2.19
C VAL A 51 5.56 16.22 -3.55
N TYR A 52 6.79 16.24 -4.06
CA TYR A 52 7.10 16.79 -5.37
C TYR A 52 7.77 15.73 -6.22
N LYS A 53 7.49 15.75 -7.52
CA LYS A 53 8.27 14.91 -8.41
C LYS A 53 9.52 15.66 -8.86
N GLY A 54 10.55 14.91 -9.21
CA GLY A 54 11.79 15.50 -9.67
C GLY A 54 12.46 14.56 -10.63
N TYR A 55 13.57 15.03 -11.22
CA TYR A 55 14.39 14.17 -12.09
C TYR A 55 15.85 14.31 -11.68
N VAL A 56 16.51 13.17 -11.46
CA VAL A 56 17.97 13.19 -11.27
C VAL A 56 18.61 12.75 -12.58
N HIS A 57 19.55 13.56 -13.08
CA HIS A 57 20.30 13.20 -14.27
C HIS A 57 21.39 12.20 -13.91
N ASP A 58 22.00 11.58 -14.94
CA ASP A 58 23.10 10.67 -14.68
C ASP A 58 24.20 11.33 -13.85
N LYS A 59 24.41 12.62 -14.03
CA LYS A 59 25.51 13.31 -13.38
C LYS A 59 25.16 13.86 -12.00
N THR A 60 23.89 13.75 -11.58
CA THR A 60 23.48 14.35 -10.32
C THR A 60 24.20 13.74 -9.13
N LYS A 61 24.34 12.41 -9.09
CA LYS A 61 24.96 11.71 -7.96
C LYS A 61 25.79 10.55 -8.53
N PRO A 62 27.04 10.39 -8.08
CA PRO A 62 27.83 9.24 -8.55
C PRO A 62 27.24 7.94 -8.06
N GLY A 63 27.12 6.97 -8.97
CA GLY A 63 26.57 5.68 -8.62
C GLY A 63 25.05 5.59 -8.71
N LEU A 64 24.37 6.69 -9.03
CA LEU A 64 22.91 6.73 -9.09
C LEU A 64 22.53 7.00 -10.54
N ALA A 65 21.72 6.13 -11.11
CA ALA A 65 21.30 6.28 -12.50
C ALA A 65 20.24 7.37 -12.64
N ALA A 66 20.17 7.97 -13.84
CA ALA A 66 19.13 8.95 -14.11
C ALA A 66 17.76 8.30 -13.93
N GLN A 67 16.84 9.04 -13.30
CA GLN A 67 15.50 8.51 -13.01
C GLN A 67 14.64 9.60 -12.43
N THR A 68 13.33 9.42 -12.53
CA THR A 68 12.38 10.28 -11.84
C THR A 68 12.36 9.92 -10.36
N VAL A 69 12.16 10.92 -9.51
CA VAL A 69 12.19 10.73 -8.07
C VAL A 69 10.99 11.46 -7.46
N ALA A 70 10.61 11.02 -6.27
CA ALA A 70 9.64 11.73 -5.44
C ALA A 70 10.37 12.32 -4.24
N VAL A 71 10.19 13.63 -4.03
CA VAL A 71 10.84 14.34 -2.95
C VAL A 71 9.77 14.71 -1.92
N LYS A 72 9.95 14.23 -0.69
CA LYS A 72 8.96 14.40 0.36
C LYS A 72 9.50 15.33 1.43
N LEU A 73 8.76 16.39 1.72
CA LEU A 73 9.15 17.36 2.73
C LEU A 73 8.39 17.02 4.00
N LEU A 74 9.13 16.63 5.04
CA LEU A 74 8.49 16.04 6.22
C LEU A 74 7.96 17.14 7.14
N ASP A 75 6.65 17.07 7.42
CA ASP A 75 6.01 17.96 8.40
C ASP A 75 5.63 17.11 9.61
N GLN A 86 19.25 10.97 11.10
CA GLN A 86 18.27 10.19 11.88
C GLN A 86 18.55 8.70 11.84
N THR A 87 18.63 8.10 13.03
CA THR A 87 18.79 6.65 13.13
C THR A 87 17.73 5.92 12.32
N GLU A 88 16.48 6.40 12.37
CA GLU A 88 15.42 5.76 11.61
C GLU A 88 15.71 5.80 10.12
N VAL A 89 16.16 6.94 9.61
CA VAL A 89 16.36 7.04 8.16
C VAL A 89 17.51 6.15 7.71
N PHE A 90 18.56 6.01 8.53
CA PHE A 90 19.59 5.05 8.17
C PHE A 90 19.06 3.63 8.21
N PHE A 91 18.12 3.36 9.12
CA PHE A 91 17.52 2.00 9.20
C PHE A 91 16.64 1.75 7.96
N LEU A 92 15.91 2.79 7.52
CA LEU A 92 15.01 2.69 6.34
C LEU A 92 15.81 2.45 5.05
N GLY A 93 17.05 2.92 4.98
CA GLY A 93 17.94 2.70 3.81
C GLY A 93 18.47 1.28 3.72
N GLN A 94 18.36 0.49 4.81
CA GLN A 94 18.82 -0.93 4.83
C GLN A 94 17.64 -1.84 4.45
N LEU A 95 16.42 -1.31 4.45
CA LEU A 95 15.21 -2.11 4.11
C LEU A 95 15.05 -2.17 2.58
N ARG A 96 15.90 -2.95 1.91
CA ARG A 96 15.85 -3.08 0.43
C ARG A 96 15.10 -4.37 0.06
N HIS A 97 14.16 -4.28 -0.89
CA HIS A 97 13.36 -5.42 -1.32
C HIS A 97 12.64 -5.03 -2.60
N PRO A 98 12.44 -5.97 -3.53
CA PRO A 98 11.79 -5.61 -4.81
C PRO A 98 10.37 -5.07 -4.67
N HIS A 99 9.71 -5.25 -3.53
CA HIS A 99 8.34 -4.79 -3.38
C HIS A 99 8.21 -3.72 -2.31
N LEU A 100 9.30 -2.99 -2.07
CA LEU A 100 9.28 -1.78 -1.26
C LEU A 100 9.76 -0.63 -2.15
N VAL A 101 9.14 0.54 -2.02
CA VAL A 101 9.66 1.71 -2.72
C VAL A 101 11.07 2.00 -2.21
N LYS A 102 12.00 2.23 -3.13
CA LYS A 102 13.40 2.50 -2.77
C LYS A 102 13.57 3.89 -2.18
N LEU A 103 14.14 3.98 -0.98
CA LEU A 103 14.58 5.26 -0.45
C LEU A 103 15.95 5.56 -1.05
N ILE A 104 16.03 6.59 -1.89
CA ILE A 104 17.29 6.92 -2.58
C ILE A 104 18.22 7.75 -1.71
N GLY A 105 17.67 8.66 -0.92
CA GLY A 105 18.53 9.53 -0.13
C GLY A 105 17.71 10.51 0.68
N TYR A 106 18.41 11.53 1.18
CA TYR A 106 17.79 12.45 2.13
C TYR A 106 18.56 13.78 2.16
N CYS A 107 17.90 14.78 2.72
CA CYS A 107 18.47 16.09 2.92
C CYS A 107 18.03 16.56 4.29
N TYR A 108 18.99 16.91 5.14
CA TYR A 108 18.72 17.53 6.44
C TYR A 108 19.48 18.85 6.45
N GLU A 109 18.74 19.95 6.39
CA GLU A 109 19.35 21.26 6.19
C GLU A 109 18.46 22.32 6.81
N ASP A 110 19.04 23.15 7.66
CA ASP A 110 18.24 24.08 8.47
C ASP A 110 17.29 23.21 9.29
N GLU A 111 16.04 23.63 9.47
CA GLU A 111 15.06 22.79 10.12
C GLU A 111 14.51 21.70 9.20
N HIS A 112 14.89 21.72 7.92
CA HIS A 112 14.18 20.94 6.91
C HIS A 112 14.66 19.50 6.87
N ARG A 113 13.71 18.59 6.71
CA ARG A 113 13.99 17.15 6.59
C ARG A 113 13.29 16.67 5.33
N LEU A 114 14.05 16.29 4.32
CA LEU A 114 13.48 15.82 3.08
C LEU A 114 13.98 14.41 2.79
N LEU A 115 13.11 13.61 2.18
CA LEU A 115 13.43 12.25 1.78
C LEU A 115 13.26 12.14 0.27
N VAL A 116 14.13 11.36 -0.36
CA VAL A 116 14.12 11.20 -1.81
C VAL A 116 13.86 9.73 -2.13
N TYR A 117 12.78 9.47 -2.87
CA TYR A 117 12.32 8.13 -3.18
C TYR A 117 12.32 7.90 -4.67
N GLU A 118 12.42 6.63 -5.06
CA GLU A 118 12.09 6.28 -6.44
C GLU A 118 10.67 6.71 -6.74
N PHE A 119 10.47 7.24 -7.94
CA PHE A 119 9.14 7.68 -8.35
C PHE A 119 8.41 6.51 -8.98
N MET A 120 7.18 6.26 -8.48
CA MET A 120 6.36 5.16 -8.94
C MET A 120 5.43 5.68 -10.03
N THR A 121 5.71 5.28 -11.27
CA THR A 121 5.16 5.94 -12.46
C THR A 121 3.63 6.02 -12.42
N ARG A 122 2.96 4.95 -12.01
CA ARG A 122 1.50 4.93 -12.06
C ARG A 122 0.86 5.31 -10.73
N GLY A 123 1.65 5.70 -9.72
CA GLY A 123 1.04 6.25 -8.54
C GLY A 123 0.33 5.17 -7.73
N SER A 124 -0.61 5.60 -6.91
CA SER A 124 -1.14 4.67 -5.93
C SER A 124 -2.28 3.85 -6.52
N LEU A 125 -2.41 2.65 -5.97
CA LEU A 125 -3.41 1.70 -6.43
C LEU A 125 -4.83 2.27 -6.37
N GLU A 126 -5.11 3.14 -5.39
CA GLU A 126 -6.46 3.66 -5.25
C GLU A 126 -6.92 4.46 -6.47
N LYS A 127 -5.98 5.05 -7.22
CA LYS A 127 -6.37 5.82 -8.39
C LYS A 127 -6.73 4.95 -9.59
N HIS A 128 -6.34 3.69 -9.59
CA HIS A 128 -6.66 2.76 -10.64
C HIS A 128 -7.82 1.85 -10.27
N LEU A 129 -7.88 1.42 -9.02
CA LEU A 129 -8.78 0.33 -8.63
C LEU A 129 -10.23 0.77 -8.61
N PHE A 130 -10.49 2.01 -8.18
CA PHE A 130 -11.85 2.48 -8.01
C PHE A 130 -12.34 3.31 -9.20
N LYS A 131 -11.67 3.21 -10.34
CA LYS A 131 -12.24 3.65 -11.61
C LYS A 131 -13.50 2.84 -11.91
N LYS A 132 -14.41 3.40 -12.71
CA LYS A 132 -15.61 2.65 -13.05
C LYS A 132 -15.27 1.34 -13.75
N TYR A 133 -14.31 1.35 -14.67
CA TYR A 133 -14.02 0.18 -15.49
C TYR A 133 -12.70 -0.51 -15.18
N ALA A 134 -11.65 0.25 -14.86
CA ALA A 134 -10.33 -0.31 -14.51
C ALA A 134 -9.88 -1.39 -15.50
N ALA A 135 -9.86 -1.02 -16.78
CA ALA A 135 -9.57 -1.95 -17.86
C ALA A 135 -8.12 -2.43 -17.83
N SER A 136 -7.22 -1.67 -17.23
CA SER A 136 -5.84 -2.10 -17.14
C SER A 136 -5.59 -3.02 -15.95
N LEU A 137 -6.61 -3.34 -15.15
CA LEU A 137 -6.47 -4.22 -13.99
C LEU A 137 -7.32 -5.48 -14.17
N PRO A 138 -6.98 -6.35 -15.13
CA PRO A 138 -7.65 -7.64 -15.19
C PRO A 138 -7.23 -8.53 -14.03
N TRP A 139 -7.83 -9.70 -13.93
CA TRP A 139 -7.68 -10.55 -12.76
C TRP A 139 -6.22 -10.86 -12.45
N SER A 140 -5.44 -11.25 -13.46
CA SER A 140 -4.08 -11.66 -13.17
C SER A 140 -3.20 -10.47 -12.74
N THR A 141 -3.49 -9.26 -13.24
CA THR A 141 -2.78 -8.08 -12.75
C THR A 141 -3.13 -7.77 -11.30
N ARG A 142 -4.41 -7.92 -10.93
CA ARG A 142 -4.80 -7.75 -9.54
C ARG A 142 -4.13 -8.79 -8.64
N LEU A 143 -4.08 -10.03 -9.08
CA LEU A 143 -3.37 -11.06 -8.32
C LEU A 143 -1.89 -10.72 -8.18
N LYS A 144 -1.25 -10.28 -9.28
CA LYS A 144 0.17 -9.88 -9.23
C LYS A 144 0.40 -8.76 -8.22
N ILE A 145 -0.53 -7.80 -8.16
CA ILE A 145 -0.44 -6.70 -7.20
C ILE A 145 -0.65 -7.21 -5.77
N ALA A 146 -1.63 -8.09 -5.56
CA ALA A 146 -1.82 -8.66 -4.23
C ALA A 146 -0.59 -9.45 -3.79
N ILE A 147 0.03 -10.18 -4.71
CA ILE A 147 1.20 -11.00 -4.34
C ILE A 147 2.40 -10.12 -4.00
N GLY A 148 2.65 -9.08 -4.79
CA GLY A 148 3.80 -8.22 -4.52
C GLY A 148 3.63 -7.43 -3.23
N ALA A 149 2.42 -6.97 -2.95
CA ALA A 149 2.17 -6.30 -1.68
C ALA A 149 2.38 -7.26 -0.51
N ALA A 150 1.97 -8.52 -0.67
CA ALA A 150 2.16 -9.49 0.41
C ALA A 150 3.64 -9.78 0.63
N LYS A 151 4.42 -9.91 -0.45
CA LYS A 151 5.86 -10.12 -0.30
C LYS A 151 6.55 -8.94 0.40
N GLY A 152 6.14 -7.71 0.08
CA GLY A 152 6.72 -6.55 0.75
C GLY A 152 6.40 -6.54 2.23
N LEU A 153 5.16 -6.84 2.58
CA LEU A 153 4.75 -6.85 3.98
C LEU A 153 5.43 -7.98 4.75
N ALA A 154 5.54 -9.16 4.12
CA ALA A 154 6.27 -10.26 4.74
C ALA A 154 7.72 -9.88 5.02
N PHE A 155 8.39 -9.24 4.07
CA PHE A 155 9.76 -8.79 4.29
C PHE A 155 9.83 -7.82 5.47
N LEU A 156 8.94 -6.82 5.50
CA LEU A 156 8.93 -5.87 6.61
C LEU A 156 8.68 -6.56 7.94
N HIS A 157 7.75 -7.53 7.97
CA HIS A 157 7.42 -8.19 9.22
C HIS A 157 8.55 -9.10 9.69
N GLU A 158 9.35 -9.63 8.78
CA GLU A 158 10.45 -10.52 9.13
C GLU A 158 11.79 -9.78 9.29
N ALA A 159 11.79 -8.45 9.30
CA ALA A 159 13.04 -7.72 9.34
C ALA A 159 13.69 -7.82 10.73
N GLU A 160 14.94 -7.36 10.81
CA GLU A 160 15.65 -7.34 12.09
C GLU A 160 14.82 -6.64 13.16
N LYS A 161 14.30 -5.46 12.83
CA LYS A 161 13.26 -4.83 13.64
C LYS A 161 11.94 -4.93 12.90
N PRO A 162 10.89 -5.47 13.52
CA PRO A 162 9.58 -5.51 12.85
C PRO A 162 9.10 -4.11 12.50
N VAL A 163 8.89 -3.88 11.21
CA VAL A 163 8.27 -2.66 10.70
C VAL A 163 6.79 -2.93 10.51
N ILE A 164 5.94 -2.14 11.16
CA ILE A 164 4.47 -2.30 11.02
C ILE A 164 3.86 -0.93 10.73
N TYR A 165 2.83 -0.89 9.89
CA TYR A 165 2.14 0.38 9.55
C TYR A 165 1.16 0.71 10.68
N ARG A 166 0.72 1.97 10.77
CA ARG A 166 -0.32 2.33 11.77
C ARG A 166 -1.62 1.69 11.27
N ASP A 167 -1.82 1.73 9.95
CA ASP A 167 -2.96 1.10 9.24
C ASP A 167 -2.54 0.88 7.78
N PHE A 168 -2.54 -0.39 7.34
CA PHE A 168 -2.16 -0.69 5.93
C PHE A 168 -3.34 -0.35 5.03
N LYS A 169 -3.17 0.62 4.13
CA LYS A 169 -4.30 1.07 3.27
C LYS A 169 -3.97 0.92 1.78
N THR A 170 -5.00 1.05 0.96
CA THR A 170 -4.87 0.97 -0.50
C THR A 170 -3.79 1.90 -1.01
N SER A 171 -3.73 3.11 -0.47
CA SER A 171 -2.79 4.12 -0.92
C SER A 171 -1.34 3.83 -0.51
N ASN A 172 -1.10 2.87 0.38
CA ASN A 172 0.28 2.47 0.66
C ASN A 172 0.86 1.57 -0.42
N ILE A 173 0.06 1.16 -1.40
CA ILE A 173 0.54 0.36 -2.53
C ILE A 173 0.69 1.30 -3.73
N LEU A 174 1.92 1.48 -4.20
CA LEU A 174 2.24 2.24 -5.40
C LEU A 174 2.57 1.28 -6.53
N LEU A 175 2.44 1.76 -7.76
CA LEU A 175 2.54 0.90 -8.94
C LEU A 175 3.55 1.51 -9.92
N ASP A 176 4.47 0.68 -10.41
CA ASP A 176 5.40 1.13 -11.42
C ASP A 176 4.74 0.99 -12.80
N SER A 177 5.50 1.23 -13.87
CA SER A 177 4.91 1.25 -15.21
C SER A 177 4.41 -0.12 -15.65
N ASP A 178 4.93 -1.20 -15.08
CA ASP A 178 4.45 -2.55 -15.36
C ASP A 178 3.40 -3.03 -14.35
N TYR A 179 2.84 -2.12 -13.56
CA TYR A 179 1.86 -2.45 -12.51
C TYR A 179 2.46 -3.37 -11.46
N LYS A 180 3.79 -3.30 -11.28
CA LYS A 180 4.43 -3.97 -10.16
C LYS A 180 4.16 -3.19 -8.89
N ALA A 181 3.79 -3.90 -7.83
CA ALA A 181 3.37 -3.29 -6.57
C ALA A 181 4.58 -3.08 -5.68
N LYS A 182 4.70 -1.86 -5.12
CA LYS A 182 5.74 -1.57 -4.13
C LYS A 182 5.11 -0.77 -3.00
N LEU A 183 5.48 -1.12 -1.79
CA LEU A 183 4.89 -0.48 -0.61
C LEU A 183 5.61 0.81 -0.28
N SER A 184 4.83 1.80 0.16
CA SER A 184 5.33 3.13 0.40
C SER A 184 5.09 3.53 1.84
N ASP A 185 5.82 4.54 2.30
CA ASP A 185 5.61 5.16 3.61
C ASP A 185 5.88 4.18 4.75
N PHE A 186 6.59 3.10 4.49
CA PHE A 186 6.82 2.11 5.53
C PHE A 186 7.82 2.64 6.55
N GLY A 187 7.58 2.31 7.83
CA GLY A 187 8.46 2.72 8.90
C GLY A 187 8.49 4.20 9.22
N LEU A 188 7.58 4.98 8.64
CA LEU A 188 7.59 6.42 8.85
C LEU A 188 6.66 6.84 9.99
N THR A 198 -2.45 6.78 22.65
CA THR A 198 -3.61 7.39 22.01
C THR A 198 -4.82 7.06 22.85
N HIS A 199 -6.00 7.44 22.37
CA HIS A 199 -7.27 7.08 22.97
C HIS A 199 -8.23 6.71 21.84
N VAL A 200 -9.34 6.08 22.22
CA VAL A 200 -10.24 5.45 21.26
C VAL A 200 -10.69 6.45 20.21
N ALA A 201 -11.23 7.59 20.64
CA ALA A 201 -11.77 8.56 19.69
C ALA A 201 -10.74 8.98 18.65
N ALA A 202 -9.48 9.16 19.06
CA ALA A 202 -8.48 9.60 18.09
C ALA A 202 -8.03 8.48 17.17
N ARG A 203 -8.10 7.23 17.64
CA ARG A 203 -7.71 6.11 16.81
C ARG A 203 -8.73 5.86 15.71
N VAL A 204 -10.01 6.04 16.03
CA VAL A 204 -11.08 5.70 15.11
C VAL A 204 -11.45 6.87 14.20
N MET A 205 -11.17 8.10 14.62
CA MET A 205 -11.55 9.28 13.86
C MET A 205 -10.86 9.29 12.51
N GLY A 206 -11.66 9.33 11.45
CA GLY A 206 -11.13 9.47 10.12
C GLY A 206 -10.60 8.20 9.49
N THR A 207 -10.71 7.07 10.17
CA THR A 207 -10.32 5.82 9.53
C THR A 207 -11.36 5.43 8.49
N GLN A 208 -10.89 4.84 7.40
CA GLN A 208 -11.77 4.50 6.29
C GLN A 208 -11.81 2.99 6.07
N GLY A 209 -11.65 2.21 7.14
CA GLY A 209 -11.91 0.79 7.11
C GLY A 209 -10.69 -0.12 7.16
N TYR A 210 -9.47 0.43 7.23
CA TYR A 210 -8.27 -0.39 7.17
C TYR A 210 -7.65 -0.66 8.54
N ALA A 211 -7.96 0.16 9.55
CA ALA A 211 -7.36 -0.02 10.87
C ALA A 211 -7.88 -1.29 11.53
N ALA A 212 -6.97 -2.05 12.15
CA ALA A 212 -7.32 -3.35 12.69
C ALA A 212 -8.26 -3.20 13.88
N PRO A 213 -9.22 -4.10 14.05
CA PRO A 213 -10.16 -3.99 15.18
C PRO A 213 -9.48 -3.87 16.53
N GLU A 214 -8.47 -4.69 16.80
CA GLU A 214 -7.82 -4.64 18.11
C GLU A 214 -7.06 -3.34 18.32
N TYR A 215 -6.59 -2.72 17.23
CA TYR A 215 -5.87 -1.44 17.39
C TYR A 215 -6.87 -0.33 17.73
N ILE A 216 -8.03 -0.37 17.09
CA ILE A 216 -9.10 0.65 17.30
C ILE A 216 -9.58 0.60 18.77
N MET A 217 -9.80 -0.60 19.29
CA MET A 217 -10.40 -0.76 20.65
C MET A 217 -9.37 -0.75 21.79
N THR A 218 -8.14 -1.20 21.55
CA THR A 218 -7.17 -1.26 22.68
C THR A 218 -5.89 -0.47 22.40
N GLY A 219 -5.60 -0.19 21.13
CA GLY A 219 -4.37 0.54 20.77
C GLY A 219 -3.22 -0.42 20.55
N HIS A 220 -3.47 -1.73 20.66
CA HIS A 220 -2.43 -2.77 20.46
C HIS A 220 -2.09 -2.83 18.95
N LEU A 221 -0.82 -2.67 18.62
CA LEU A 221 -0.37 -2.69 17.20
C LEU A 221 0.70 -3.77 17.04
N THR A 222 0.42 -4.80 16.23
CA THR A 222 1.39 -5.88 15.94
C THR A 222 1.41 -6.14 14.43
N ALA A 223 2.31 -7.02 13.97
CA ALA A 223 2.31 -7.39 12.57
C ALA A 223 0.93 -7.83 12.10
N LYS A 224 0.15 -8.51 12.96
CA LYS A 224 -1.18 -8.97 12.53
C LYS A 224 -2.13 -7.81 12.24
N SER A 225 -1.85 -6.61 12.76
CA SER A 225 -2.69 -5.46 12.47
C SER A 225 -2.55 -5.03 11.00
N ASP A 226 -1.33 -5.10 10.46
CA ASP A 226 -1.11 -4.91 9.02
C ASP A 226 -1.88 -5.93 8.20
N VAL A 227 -1.88 -7.20 8.63
CA VAL A 227 -2.55 -8.27 7.89
C VAL A 227 -4.03 -7.99 7.73
N TYR A 228 -4.65 -7.43 8.77
CA TYR A 228 -6.05 -7.03 8.65
C TYR A 228 -6.24 -6.04 7.52
N GLY A 229 -5.43 -4.97 7.49
CA GLY A 229 -5.55 -3.98 6.45
C GLY A 229 -5.27 -4.55 5.07
N TYR A 230 -4.27 -5.44 4.99
CA TYR A 230 -4.03 -6.16 3.74
C TYR A 230 -5.27 -6.93 3.30
N GLY A 231 -5.96 -7.57 4.25
CA GLY A 231 -7.16 -8.30 3.89
C GLY A 231 -8.24 -7.40 3.32
N VAL A 232 -8.36 -6.20 3.86
CA VAL A 232 -9.33 -5.24 3.33
C VAL A 232 -8.95 -4.84 1.91
N VAL A 233 -7.67 -4.59 1.65
CA VAL A 233 -7.24 -4.22 0.31
C VAL A 233 -7.47 -5.37 -0.66
N LEU A 234 -7.23 -6.62 -0.21
CA LEU A 234 -7.54 -7.77 -1.06
C LEU A 234 -9.02 -7.82 -1.41
N LEU A 235 -9.90 -7.51 -0.45
CA LEU A 235 -11.33 -7.46 -0.77
C LEU A 235 -11.63 -6.36 -1.77
N GLU A 236 -10.90 -5.25 -1.68
CA GLU A 236 -11.06 -4.18 -2.65
C GLU A 236 -10.62 -4.64 -4.02
N LEU A 237 -9.50 -5.36 -4.10
CA LEU A 237 -9.04 -5.90 -5.37
C LEU A 237 -10.04 -6.88 -5.96
N LEU A 238 -10.65 -7.75 -5.12
CA LEU A 238 -11.60 -8.72 -5.65
C LEU A 238 -12.90 -8.05 -6.10
N SER A 239 -13.35 -7.06 -5.34
CA SER A 239 -14.67 -6.43 -5.60
C SER A 239 -14.56 -5.17 -6.46
N GLY A 240 -13.46 -4.43 -6.33
CA GLY A 240 -13.29 -3.15 -7.04
C GLY A 240 -14.05 -2.04 -6.33
N ARG A 241 -14.40 -2.27 -5.07
CA ARG A 241 -15.17 -1.31 -4.23
C ARG A 241 -14.26 -0.81 -3.10
N LYS A 242 -14.41 0.46 -2.73
CA LYS A 242 -13.62 1.06 -1.62
C LYS A 242 -14.09 0.43 -0.30
N ALA A 243 -13.18 0.25 0.64
CA ALA A 243 -13.49 -0.36 1.96
C ALA A 243 -14.72 0.30 2.58
N VAL A 244 -14.78 1.63 2.54
CA VAL A 244 -15.90 2.38 3.11
C VAL A 244 -16.36 3.34 2.04
N ASP A 245 -17.62 3.21 1.62
CA ASP A 245 -18.22 4.12 0.64
C ASP A 245 -19.59 4.54 1.15
N LYS A 246 -19.68 5.81 1.57
CA LYS A 246 -20.92 6.31 2.15
C LYS A 246 -22.02 6.47 1.10
N THR A 247 -21.67 6.51 -0.18
CA THR A 247 -22.64 6.67 -1.25
C THR A 247 -23.30 5.36 -1.65
N ARG A 248 -22.87 4.23 -1.10
CA ARG A 248 -23.53 2.95 -1.31
C ARG A 248 -24.73 2.80 -0.37
N PRO A 249 -25.64 1.88 -0.64
CA PRO A 249 -26.73 1.62 0.28
C PRO A 249 -26.19 1.23 1.65
N PRO A 250 -26.88 1.63 2.72
CA PRO A 250 -26.32 1.44 4.08
C PRO A 250 -25.89 0.02 4.40
N ARG A 251 -26.53 -1.00 3.81
CA ARG A 251 -26.13 -2.38 3.98
C ARG A 251 -24.80 -2.69 3.29
N GLU A 252 -24.37 -1.88 2.33
CA GLU A 252 -23.14 -2.10 1.59
C GLU A 252 -22.06 -1.07 1.88
N GLN A 253 -22.29 -0.16 2.83
CA GLN A 253 -21.33 0.93 3.03
C GLN A 253 -19.98 0.41 3.50
N SER A 254 -19.98 -0.58 4.39
CA SER A 254 -18.75 -1.23 4.83
C SER A 254 -18.54 -2.48 3.97
N LEU A 255 -17.49 -2.44 3.14
CA LEU A 255 -17.18 -3.59 2.30
C LEU A 255 -17.00 -4.86 3.12
N VAL A 256 -16.32 -4.77 4.27
CA VAL A 256 -15.99 -5.97 5.03
C VAL A 256 -17.24 -6.60 5.64
N GLU A 257 -18.07 -5.78 6.29
CA GLU A 257 -19.28 -6.31 6.89
C GLU A 257 -20.23 -6.86 5.84
N TRP A 258 -20.34 -6.16 4.70
CA TRP A 258 -21.21 -6.64 3.64
C TRP A 258 -20.70 -7.94 3.03
N ALA A 259 -19.38 -8.03 2.79
CA ALA A 259 -18.85 -9.15 2.04
C ALA A 259 -18.65 -10.41 2.88
N ARG A 260 -18.40 -10.25 4.18
CA ARG A 260 -17.99 -11.38 5.00
C ARG A 260 -18.91 -12.60 4.87
N PRO A 261 -20.25 -12.45 4.92
CA PRO A 261 -21.11 -13.63 4.78
C PRO A 261 -21.08 -14.30 3.42
N TYR A 262 -20.62 -13.63 2.35
CA TYR A 262 -20.55 -14.27 1.05
C TYR A 262 -19.21 -14.94 0.77
N LEU A 263 -18.18 -14.65 1.56
CA LEU A 263 -16.83 -15.15 1.26
C LEU A 263 -16.74 -16.67 1.36
N THR A 264 -17.62 -17.28 2.14
CA THR A 264 -17.61 -18.76 2.28
C THR A 264 -18.65 -19.36 1.32
N ASP A 265 -19.46 -18.52 0.69
CA ASP A 265 -20.51 -19.00 -0.25
C ASP A 265 -19.99 -18.93 -1.69
N ALA A 266 -19.50 -20.06 -2.21
CA ALA A 266 -18.93 -20.12 -3.59
C ALA A 266 -19.98 -19.82 -4.66
N ARG A 267 -21.25 -20.15 -4.41
CA ARG A 267 -22.32 -19.92 -5.42
C ARG A 267 -22.79 -18.45 -5.36
N ARG A 268 -22.57 -17.77 -4.23
CA ARG A 268 -23.01 -16.36 -4.10
C ARG A 268 -21.81 -15.41 -4.04
N LEU A 269 -20.61 -15.94 -4.31
CA LEU A 269 -19.38 -15.12 -4.28
C LEU A 269 -19.45 -14.05 -5.37
N ASP A 270 -20.20 -14.31 -6.45
CA ASP A 270 -20.31 -13.35 -7.53
C ASP A 270 -21.05 -12.08 -7.12
N ARG A 271 -21.78 -12.09 -6.01
CA ARG A 271 -22.27 -10.84 -5.44
C ARG A 271 -21.12 -9.89 -5.12
N VAL A 272 -19.98 -10.44 -4.69
CA VAL A 272 -18.83 -9.64 -4.24
C VAL A 272 -17.90 -9.30 -5.40
N MET A 273 -17.64 -10.29 -6.25
CA MET A 273 -16.64 -10.16 -7.31
C MET A 273 -16.95 -8.97 -8.21
N ASP A 274 -15.90 -8.25 -8.59
CA ASP A 274 -15.98 -7.12 -9.51
C ASP A 274 -16.66 -7.55 -10.82
N PRO A 275 -17.77 -6.93 -11.21
CA PRO A 275 -18.38 -7.28 -12.52
C PRO A 275 -17.44 -7.10 -13.70
N SER A 276 -16.46 -6.19 -13.58
CA SER A 276 -15.45 -6.00 -14.62
C SER A 276 -14.59 -7.23 -14.82
N LEU A 277 -14.55 -8.13 -13.84
CA LEU A 277 -13.67 -9.29 -13.91
C LEU A 277 -14.38 -10.52 -14.48
N ALA A 278 -15.67 -10.41 -14.76
CA ALA A 278 -16.48 -11.55 -15.19
C ALA A 278 -15.80 -12.33 -16.31
N GLY A 279 -15.63 -13.64 -16.09
CA GLY A 279 -15.07 -14.52 -17.10
C GLY A 279 -13.57 -14.74 -17.03
N GLN A 280 -12.84 -13.98 -16.22
CA GLN A 280 -11.38 -14.11 -16.19
C GLN A 280 -10.87 -15.03 -15.09
N TYR A 281 -11.73 -15.52 -14.20
CA TYR A 281 -11.32 -16.36 -13.09
C TYR A 281 -12.22 -17.59 -13.01
N SER A 282 -11.69 -18.66 -12.44
CA SER A 282 -12.56 -19.79 -12.11
C SER A 282 -13.23 -19.57 -10.76
N THR A 283 -14.30 -20.32 -10.50
CA THR A 283 -15.00 -20.21 -9.20
C THR A 283 -14.02 -20.62 -8.08
N ARG A 284 -13.22 -21.65 -8.35
CA ARG A 284 -12.22 -22.16 -7.37
C ARG A 284 -11.19 -21.06 -7.06
N ALA A 285 -10.70 -20.38 -8.10
CA ALA A 285 -9.71 -19.30 -7.93
C ALA A 285 -10.31 -18.17 -7.08
N ALA A 286 -11.52 -17.74 -7.41
CA ALA A 286 -12.19 -16.64 -6.67
C ALA A 286 -12.44 -17.07 -5.22
N HIS A 287 -12.90 -18.31 -5.02
CA HIS A 287 -13.19 -18.80 -3.67
C HIS A 287 -11.93 -18.83 -2.82
N LYS A 288 -10.80 -19.27 -3.39
CA LYS A 288 -9.56 -19.32 -2.61
C LYS A 288 -9.05 -17.92 -2.25
N ALA A 289 -9.07 -17.00 -3.21
CA ALA A 289 -8.64 -15.63 -2.92
C ALA A 289 -9.56 -15.01 -1.87
N ALA A 290 -10.87 -15.25 -1.99
CA ALA A 290 -11.82 -14.78 -0.99
C ALA A 290 -11.53 -15.38 0.38
N ALA A 291 -11.16 -16.67 0.41
CA ALA A 291 -10.80 -17.30 1.68
C ALA A 291 -9.54 -16.69 2.27
N VAL A 292 -8.59 -16.28 1.43
CA VAL A 292 -7.41 -15.58 1.95
C VAL A 292 -7.85 -14.27 2.60
N ALA A 293 -8.67 -13.48 1.90
CA ALA A 293 -9.17 -12.23 2.46
C ALA A 293 -9.93 -12.47 3.77
N HIS A 294 -10.85 -13.44 3.76
CA HIS A 294 -11.62 -13.82 4.94
C HIS A 294 -10.72 -14.07 6.15
N GLN A 295 -9.63 -14.81 5.94
CA GLN A 295 -8.71 -15.07 7.04
C GLN A 295 -7.98 -13.82 7.49
N CYS A 296 -7.63 -12.93 6.56
CA CYS A 296 -6.88 -11.76 6.97
C CYS A 296 -7.75 -10.77 7.73
N VAL A 297 -9.05 -10.72 7.46
CA VAL A 297 -9.93 -9.78 8.15
C VAL A 297 -10.63 -10.43 9.35
N ALA A 298 -10.10 -11.55 9.86
CA ALA A 298 -10.68 -12.12 11.07
C ALA A 298 -10.56 -11.13 12.20
N LEU A 299 -11.62 -11.03 13.02
CA LEU A 299 -11.57 -10.10 14.14
C LEU A 299 -10.51 -10.51 15.16
N ASN A 300 -10.29 -11.81 15.31
CA ASN A 300 -9.22 -12.33 16.15
C ASN A 300 -7.87 -12.22 15.44
N PRO A 301 -6.92 -11.43 15.96
CA PRO A 301 -5.59 -11.37 15.32
C PRO A 301 -4.89 -12.72 15.26
N LYS A 302 -5.19 -13.63 16.19
CA LYS A 302 -4.51 -14.92 16.19
C LYS A 302 -4.92 -15.78 14.99
N SER A 303 -6.11 -15.56 14.45
CA SER A 303 -6.58 -16.28 13.27
C SER A 303 -5.92 -15.80 11.99
N ARG A 304 -5.34 -14.59 11.99
CA ARG A 304 -4.84 -14.06 10.73
C ARG A 304 -3.53 -14.75 10.37
N PRO A 305 -3.28 -14.94 9.07
CA PRO A 305 -2.06 -15.63 8.64
C PRO A 305 -0.83 -14.77 8.78
N HIS A 306 0.34 -15.42 8.72
CA HIS A 306 1.56 -14.69 8.43
C HIS A 306 1.60 -14.34 6.94
N MET A 307 2.19 -13.18 6.62
CA MET A 307 2.11 -12.72 5.25
C MET A 307 2.83 -13.67 4.28
N SER A 308 3.87 -14.37 4.75
CA SER A 308 4.50 -15.36 3.86
C SER A 308 3.54 -16.49 3.50
N ALA A 309 2.61 -16.83 4.40
CA ALA A 309 1.59 -17.82 4.08
C ALA A 309 0.59 -17.28 3.07
N VAL A 310 0.30 -15.98 3.12
CA VAL A 310 -0.55 -15.36 2.10
C VAL A 310 0.14 -15.44 0.74
N VAL A 311 1.44 -15.12 0.68
CA VAL A 311 2.16 -15.26 -0.59
C VAL A 311 2.03 -16.70 -1.11
N ASP A 312 2.24 -17.68 -0.24
CA ASP A 312 2.17 -19.09 -0.65
C ASP A 312 0.79 -19.46 -1.18
N ALA A 313 -0.25 -18.90 -0.58
CA ALA A 313 -1.61 -19.26 -0.97
C ALA A 313 -2.02 -18.65 -2.30
N LEU A 314 -1.51 -17.45 -2.62
CA LEU A 314 -1.97 -16.70 -3.79
C LEU A 314 -1.18 -17.02 -5.06
N GLU A 315 0.11 -17.31 -4.94
CA GLU A 315 0.93 -17.59 -6.12
C GLU A 315 0.39 -18.70 -7.02
N PRO A 316 -0.12 -19.83 -6.50
CA PRO A 316 -0.70 -20.84 -7.41
C PRO A 316 -1.87 -20.33 -8.23
N LEU A 317 -2.53 -19.24 -7.81
CA LEU A 317 -3.67 -18.75 -8.58
C LEU A 317 -3.22 -18.09 -9.86
N LEU A 318 -1.98 -17.59 -9.91
CA LEU A 318 -1.47 -16.76 -11.02
C LEU A 318 -1.06 -17.51 -12.27
#